data_3R51
#
_entry.id   3R51
#
_cell.length_a   59.905
_cell.length_b   118.070
_cell.length_c   82.554
_cell.angle_alpha   90.00
_cell.angle_beta   90.00
_cell.angle_gamma   90.00
#
_symmetry.space_group_name_H-M   'C 2 2 21'
#
loop_
_entity.id
_entity.type
_entity.pdbx_description
1 polymer Ipomoelin
2 non-polymer 'methyl alpha-D-mannopyranoside'
3 water water
#
_entity_poly.entity_id   1
_entity_poly.type   'polypeptide(L)'
_entity_poly.pdbx_seq_one_letter_code
;HHHHHHMALQLAAHSDARSGPVGSNGGQFWSFRPVRPLNKIVLSFSGSPDQTLNLISITFSSNPTDIITVGGVGPEPLTY
TETVNIDGDIIEISGMIANYKGYNVIRSIKFTTNKKEYGPYGANAGTPFNIKIPDGNKIVGFFGNSGWYVDAIGAYYTAK
;
_entity_poly.pdbx_strand_id   A,B
#
# COMPACT_ATOMS: atom_id res chain seq x y z
N GLN A 10 -9.38 4.13 -19.48
CA GLN A 10 -8.35 3.70 -18.46
C GLN A 10 -8.94 3.19 -17.14
N LEU A 11 -8.51 2.00 -16.74
CA LEU A 11 -8.95 1.38 -15.48
C LEU A 11 -7.80 1.47 -14.47
N ALA A 12 -8.00 2.21 -13.37
CA ALA A 12 -6.97 2.38 -12.33
C ALA A 12 -6.30 1.05 -11.89
N ALA A 13 -4.97 1.03 -11.80
CA ALA A 13 -4.23 -0.18 -11.42
C ALA A 13 -4.32 -0.37 -9.92
N HIS A 14 -4.11 -1.59 -9.44
CA HIS A 14 -4.21 -1.85 -8.02
C HIS A 14 -2.83 -2.17 -7.47
N SER A 15 -2.62 -1.87 -6.19
CA SER A 15 -1.37 -2.16 -5.48
C SER A 15 -1.71 -2.99 -4.23
N ASP A 16 -1.02 -4.12 -4.05
CA ASP A 16 -1.23 -5.00 -2.91
C ASP A 16 -1.03 -4.38 -1.53
N ALA A 17 -1.83 -4.82 -0.57
CA ALA A 17 -1.72 -4.38 0.83
C ALA A 17 -0.40 -4.87 1.38
N ARG A 18 0.00 -4.29 2.51
CA ARG A 18 1.28 -4.63 3.13
C ARG A 18 1.12 -4.90 4.64
N SER A 19 1.97 -5.76 5.18
CA SER A 19 1.99 -6.08 6.61
C SER A 19 3.42 -5.80 7.07
N GLY A 20 3.59 -4.76 7.88
CA GLY A 20 4.92 -4.40 8.36
C GLY A 20 5.37 -3.03 7.85
N PRO A 21 6.68 -2.75 7.80
CA PRO A 21 7.77 -3.65 8.16
C PRO A 21 8.03 -3.75 9.65
N VAL A 22 8.81 -4.75 10.02
CA VAL A 22 9.21 -4.88 11.42
C VAL A 22 10.72 -4.70 11.28
N GLY A 23 11.41 -4.41 12.38
CA GLY A 23 12.85 -4.19 12.30
C GLY A 23 13.16 -2.69 12.41
N SER A 24 14.38 -2.31 12.07
CA SER A 24 14.78 -0.91 12.15
C SER A 24 15.21 -0.25 10.86
N ASN A 25 15.21 1.07 10.88
CA ASN A 25 15.61 1.82 9.71
C ASN A 25 16.95 1.34 9.21
N GLY A 26 17.10 1.29 7.90
CA GLY A 26 18.33 0.82 7.30
C GLY A 26 18.66 1.71 6.13
N GLY A 27 19.87 1.61 5.66
CA GLY A 27 20.30 2.46 4.57
C GLY A 27 19.44 2.62 3.34
N GLN A 28 19.04 1.50 2.76
CA GLN A 28 18.27 1.54 1.54
C GLN A 28 16.93 0.81 1.58
N PHE A 29 15.94 1.37 0.90
CA PHE A 29 14.63 0.73 0.82
C PHE A 29 14.73 -0.28 -0.30
N TRP A 30 14.07 -1.42 -0.14
CA TRP A 30 14.05 -2.45 -1.18
C TRP A 30 12.64 -3.04 -1.24
N SER A 31 12.27 -3.58 -2.38
CA SER A 31 10.94 -4.15 -2.58
C SER A 31 11.02 -5.25 -3.65
N PHE A 32 10.40 -6.40 -3.40
CA PHE A 32 10.40 -7.49 -4.38
C PHE A 32 9.06 -8.24 -4.35
N ARG A 33 8.24 -8.07 -5.39
CA ARG A 33 6.93 -8.74 -5.46
C ARG A 33 6.82 -9.25 -6.89
N PRO A 34 7.30 -10.46 -7.14
CA PRO A 34 7.24 -11.07 -8.48
C PRO A 34 5.81 -11.49 -8.83
N VAL A 35 5.53 -11.62 -10.13
CA VAL A 35 4.22 -11.99 -10.59
C VAL A 35 3.92 -13.44 -10.20
N ARG A 36 4.90 -14.31 -10.34
CA ARG A 36 4.74 -15.70 -10.03
C ARG A 36 5.04 -15.98 -8.57
N PRO A 37 4.60 -17.13 -8.06
CA PRO A 37 4.83 -17.46 -6.66
C PRO A 37 6.29 -17.40 -6.20
N LEU A 38 6.53 -16.58 -5.19
CA LEU A 38 7.86 -16.42 -4.63
C LEU A 38 8.03 -17.73 -3.87
N ASN A 39 8.75 -18.70 -4.46
CA ASN A 39 8.93 -20.04 -3.87
C ASN A 39 10.33 -20.55 -3.45
N LYS A 40 11.36 -19.71 -3.50
CA LYS A 40 12.69 -20.14 -3.09
C LYS A 40 13.40 -19.04 -2.30
N ILE A 41 13.95 -19.39 -1.14
CA ILE A 41 14.66 -18.44 -0.31
C ILE A 41 16.04 -18.96 0.06
N VAL A 42 17.09 -18.17 -0.15
CA VAL A 42 18.45 -18.54 0.19
C VAL A 42 18.96 -17.58 1.28
N LEU A 43 19.31 -18.14 2.43
CA LEU A 43 19.80 -17.34 3.56
C LEU A 43 21.30 -17.55 3.62
N SER A 44 22.04 -16.44 3.74
CA SER A 44 23.49 -16.48 3.78
C SER A 44 23.95 -15.89 5.09
N PHE A 45 24.91 -16.56 5.70
CA PHE A 45 25.45 -16.18 7.01
C PHE A 45 26.98 -16.19 7.08
N SER A 46 27.50 -15.40 8.01
CA SER A 46 28.93 -15.43 8.31
C SER A 46 28.95 -16.28 9.61
N GLY A 47 30.11 -16.49 10.22
CA GLY A 47 30.15 -17.33 11.43
C GLY A 47 29.92 -18.81 11.12
N SER A 48 29.39 -19.55 12.10
CA SER A 48 29.11 -20.98 11.91
C SER A 48 28.08 -21.49 12.92
N PRO A 49 27.46 -22.64 12.65
CA PRO A 49 26.45 -23.19 13.55
C PRO A 49 26.92 -23.32 15.00
N ASP A 50 28.12 -23.83 15.21
CA ASP A 50 28.70 -24.02 16.55
C ASP A 50 29.17 -22.76 17.24
N GLN A 51 29.28 -21.66 16.49
CA GLN A 51 29.74 -20.39 17.06
C GLN A 51 28.85 -19.21 16.65
N THR A 52 27.57 -19.51 16.46
CA THR A 52 26.57 -18.52 16.06
C THR A 52 26.63 -18.11 14.59
N LEU A 53 25.47 -18.23 13.95
CA LEU A 53 25.27 -17.85 12.56
C LEU A 53 24.79 -16.42 12.54
N ASN A 54 25.42 -15.59 11.71
CA ASN A 54 25.07 -14.17 11.59
C ASN A 54 24.42 -13.97 10.23
N LEU A 55 23.11 -13.74 10.22
CA LEU A 55 22.39 -13.52 8.97
C LEU A 55 22.92 -12.28 8.26
N ILE A 56 23.42 -12.47 7.04
CA ILE A 56 23.95 -11.36 6.29
C ILE A 56 23.03 -10.92 5.17
N SER A 57 22.48 -11.89 4.43
CA SER A 57 21.60 -11.56 3.32
C SER A 57 20.59 -12.65 3.06
N ILE A 58 19.49 -12.26 2.43
CA ILE A 58 18.43 -13.18 2.11
C ILE A 58 18.19 -12.94 0.62
N THR A 59 18.03 -14.03 -0.11
CA THR A 59 17.79 -13.99 -1.53
C THR A 59 16.43 -14.63 -1.77
N PHE A 60 15.50 -13.83 -2.29
CA PHE A 60 14.13 -14.25 -2.60
C PHE A 60 13.95 -14.44 -4.12
N SER A 61 13.23 -15.47 -4.55
CA SER A 61 13.02 -15.63 -5.98
C SER A 61 11.77 -16.43 -6.28
N SER A 62 11.27 -16.33 -7.51
CA SER A 62 10.10 -17.10 -7.92
C SER A 62 10.56 -17.99 -9.10
N ASN A 63 11.67 -17.58 -9.73
CA ASN A 63 12.32 -18.31 -10.84
C ASN A 63 13.67 -17.64 -11.13
N PRO A 64 14.47 -18.21 -12.06
CA PRO A 64 15.79 -17.69 -12.43
C PRO A 64 15.85 -16.23 -12.84
N THR A 65 14.80 -15.71 -13.44
CA THR A 65 14.84 -14.32 -13.85
C THR A 65 13.98 -13.38 -13.01
N ASP A 66 13.70 -13.77 -11.77
CA ASP A 66 12.91 -12.92 -10.86
C ASP A 66 13.53 -13.22 -9.51
N ILE A 67 14.47 -12.38 -9.08
CA ILE A 67 15.17 -12.64 -7.83
C ILE A 67 15.74 -11.37 -7.25
N ILE A 68 15.80 -11.31 -5.93
CA ILE A 68 16.36 -10.15 -5.26
C ILE A 68 17.19 -10.66 -4.10
N THR A 69 18.25 -9.93 -3.80
CA THR A 69 19.18 -10.19 -2.71
C THR A 69 19.16 -8.94 -1.82
N VAL A 70 18.75 -9.10 -0.57
CA VAL A 70 18.66 -7.98 0.39
C VAL A 70 19.79 -8.17 1.42
N GLY A 71 20.50 -7.09 1.73
CA GLY A 71 21.61 -7.18 2.64
C GLY A 71 22.76 -7.73 1.81
N GLY A 72 23.91 -7.97 2.41
CA GLY A 72 25.04 -8.52 1.66
C GLY A 72 25.84 -7.56 0.80
N VAL A 73 25.62 -6.27 1.01
CA VAL A 73 26.33 -5.26 0.25
C VAL A 73 27.76 -5.14 0.77
N GLY A 74 27.92 -5.37 2.08
CA GLY A 74 29.24 -5.28 2.70
C GLY A 74 30.29 -6.27 2.25
N PRO A 75 31.52 -6.09 2.72
CA PRO A 75 32.63 -6.97 2.36
C PRO A 75 32.63 -8.30 3.09
N GLU A 76 32.11 -8.34 4.32
CA GLU A 76 32.11 -9.58 5.10
C GLU A 76 31.81 -10.82 4.26
N PRO A 77 32.77 -11.75 4.16
CA PRO A 77 32.62 -12.97 3.38
C PRO A 77 31.51 -13.86 3.97
N LEU A 78 30.78 -14.54 3.09
CA LEU A 78 29.72 -15.46 3.46
C LEU A 78 30.40 -16.78 3.73
N THR A 79 29.98 -17.49 4.75
CA THR A 79 30.62 -18.76 4.98
C THR A 79 29.61 -19.91 4.85
N TYR A 80 28.34 -19.63 5.18
CA TYR A 80 27.28 -20.62 5.16
C TYR A 80 26.02 -20.13 4.46
N THR A 81 25.43 -21.03 3.66
CA THR A 81 24.21 -20.77 2.92
C THR A 81 23.20 -21.89 3.13
N GLU A 82 21.94 -21.50 3.12
CA GLU A 82 20.83 -22.40 3.34
C GLU A 82 19.75 -22.12 2.31
N THR A 83 19.40 -23.15 1.55
CA THR A 83 18.37 -23.01 0.54
C THR A 83 17.09 -23.64 1.04
N VAL A 84 16.00 -22.88 0.92
CA VAL A 84 14.68 -23.33 1.36
C VAL A 84 13.76 -23.28 0.14
N ASN A 85 13.07 -24.38 -0.13
CA ASN A 85 12.14 -24.46 -1.25
C ASN A 85 10.73 -24.50 -0.68
N ILE A 86 9.96 -23.43 -0.84
CA ILE A 86 8.61 -23.39 -0.31
C ILE A 86 7.61 -23.97 -1.29
N ASP A 87 6.87 -24.97 -0.85
CA ASP A 87 5.91 -25.63 -1.72
C ASP A 87 4.50 -25.39 -1.21
N GLY A 88 4.08 -24.14 -1.21
CA GLY A 88 2.75 -23.80 -0.75
C GLY A 88 2.58 -22.30 -0.59
N ASP A 89 1.53 -21.89 0.11
CA ASP A 89 1.29 -20.47 0.30
C ASP A 89 1.71 -19.96 1.65
N ILE A 90 2.69 -19.05 1.64
CA ILE A 90 3.23 -18.47 2.85
C ILE A 90 2.18 -17.57 3.48
N ILE A 91 1.91 -17.76 4.77
CA ILE A 91 0.89 -16.97 5.40
C ILE A 91 1.48 -16.16 6.52
N GLU A 92 2.70 -16.49 6.93
CA GLU A 92 3.34 -15.77 8.02
C GLU A 92 4.84 -15.97 8.09
N ILE A 93 5.55 -14.97 8.57
CA ILE A 93 6.98 -15.14 8.77
C ILE A 93 7.23 -14.59 10.17
N SER A 94 8.33 -15.03 10.77
CA SER A 94 8.69 -14.61 12.11
C SER A 94 10.19 -14.76 12.26
N GLY A 95 10.71 -14.26 13.37
CA GLY A 95 12.14 -14.35 13.60
C GLY A 95 12.54 -13.49 14.79
N MET A 96 13.84 -13.26 14.94
CA MET A 96 14.38 -12.46 16.02
C MET A 96 15.20 -11.27 15.49
N ILE A 97 15.21 -10.19 16.25
CA ILE A 97 15.97 -8.98 15.91
C ILE A 97 16.98 -8.78 17.04
N ALA A 98 18.22 -8.50 16.69
CA ALA A 98 19.24 -8.24 17.70
C ALA A 98 20.32 -7.38 17.10
N ASN A 99 21.21 -6.88 17.94
CA ASN A 99 22.29 -6.05 17.47
C ASN A 99 23.38 -6.89 16.80
N TYR A 100 24.04 -6.31 15.82
CA TYR A 100 25.14 -6.98 15.14
C TYR A 100 26.05 -5.89 14.61
N LYS A 101 27.26 -5.81 15.16
CA LYS A 101 28.24 -4.83 14.74
C LYS A 101 27.66 -3.41 14.69
N GLY A 102 26.89 -3.07 15.71
CA GLY A 102 26.30 -1.73 15.80
C GLY A 102 24.94 -1.46 15.19
N TYR A 103 24.29 -2.46 14.62
CA TYR A 103 22.99 -2.23 14.00
C TYR A 103 21.97 -3.25 14.49
N ASN A 104 20.71 -2.85 14.58
CA ASN A 104 19.65 -3.77 14.98
C ASN A 104 19.25 -4.42 13.68
N VAL A 105 19.53 -5.71 13.53
CA VAL A 105 19.20 -6.40 12.29
C VAL A 105 18.36 -7.65 12.51
N ILE A 106 17.88 -8.23 11.41
CA ILE A 106 17.11 -9.47 11.50
C ILE A 106 18.18 -10.57 11.63
N ARG A 107 18.09 -11.36 12.69
CA ARG A 107 19.07 -12.40 13.00
C ARG A 107 18.60 -13.83 12.74
N SER A 108 17.30 -14.02 12.66
CA SER A 108 16.76 -15.34 12.34
C SER A 108 15.43 -15.09 11.67
N ILE A 109 14.98 -16.09 10.92
CA ILE A 109 13.72 -15.98 10.21
C ILE A 109 13.13 -17.37 9.98
N LYS A 110 11.82 -17.42 9.96
CA LYS A 110 11.08 -18.65 9.77
C LYS A 110 9.92 -18.30 8.88
N PHE A 111 9.48 -19.25 8.06
CA PHE A 111 8.37 -18.99 7.15
C PHE A 111 7.31 -20.02 7.44
N THR A 112 6.05 -19.60 7.51
CA THR A 112 4.99 -20.55 7.80
C THR A 112 3.88 -20.59 6.75
N THR A 113 3.59 -21.79 6.24
CA THR A 113 2.54 -21.97 5.26
C THR A 113 1.40 -22.67 5.97
N ASN A 114 0.27 -22.85 5.30
CA ASN A 114 -0.86 -23.55 5.91
C ASN A 114 -0.48 -24.99 6.25
N LYS A 115 0.36 -25.59 5.40
CA LYS A 115 0.81 -26.97 5.59
C LYS A 115 1.96 -27.14 6.56
N LYS A 116 3.08 -26.47 6.32
CA LYS A 116 4.24 -26.62 7.20
C LYS A 116 5.00 -25.34 7.53
N GLU A 117 6.05 -25.50 8.34
CA GLU A 117 6.88 -24.40 8.77
C GLU A 117 8.32 -24.63 8.36
N TYR A 118 8.98 -23.55 7.95
CA TYR A 118 10.37 -23.62 7.51
C TYR A 118 11.22 -22.77 8.44
N GLY A 119 12.13 -23.42 9.18
CA GLY A 119 12.97 -22.68 10.10
C GLY A 119 12.53 -22.87 11.54
N PRO A 120 12.94 -22.00 12.48
CA PRO A 120 13.79 -20.84 12.26
C PRO A 120 15.19 -21.14 11.78
N TYR A 121 15.77 -20.19 11.04
CA TYR A 121 17.12 -20.30 10.51
C TYR A 121 17.89 -19.11 11.02
N GLY A 122 19.11 -19.32 11.48
CA GLY A 122 19.89 -18.20 11.96
C GLY A 122 20.27 -18.28 13.42
N ALA A 123 20.36 -17.12 14.06
CA ALA A 123 20.73 -17.06 15.47
C ALA A 123 19.52 -17.49 16.30
N ASN A 124 19.67 -17.52 17.62
CA ASN A 124 18.57 -17.92 18.51
C ASN A 124 18.17 -16.86 19.53
N ALA A 125 18.98 -15.82 19.68
CA ALA A 125 18.71 -14.74 20.64
C ALA A 125 18.18 -13.50 19.97
N GLY A 126 17.50 -12.66 20.75
CA GLY A 126 16.97 -11.42 20.24
C GLY A 126 15.50 -11.19 20.61
N THR A 127 14.92 -10.12 20.09
CA THR A 127 13.52 -9.81 20.35
C THR A 127 12.70 -10.31 19.17
N PRO A 128 11.64 -11.06 19.43
CA PRO A 128 10.81 -11.61 18.36
C PRO A 128 9.94 -10.65 17.54
N PHE A 129 9.68 -11.03 16.28
CA PHE A 129 8.81 -10.28 15.40
C PHE A 129 7.92 -11.30 14.68
N ASN A 130 6.67 -10.92 14.35
CA ASN A 130 5.75 -11.83 13.63
C ASN A 130 5.01 -10.97 12.60
N ILE A 131 5.03 -11.39 11.35
CA ILE A 131 4.33 -10.69 10.28
C ILE A 131 3.21 -11.65 9.88
N LYS A 132 1.97 -11.32 10.23
CA LYS A 132 0.83 -12.16 9.88
C LYS A 132 -0.02 -11.36 8.94
N ILE A 133 -0.96 -12.02 8.27
CA ILE A 133 -1.79 -11.33 7.31
C ILE A 133 -3.24 -11.68 7.51
N PRO A 134 -4.15 -10.81 7.03
CA PRO A 134 -5.60 -11.04 7.18
C PRO A 134 -5.96 -12.37 6.59
N ASP A 135 -6.90 -13.03 7.26
CA ASP A 135 -7.35 -14.34 6.82
C ASP A 135 -7.76 -14.31 5.37
N GLY A 136 -7.55 -15.42 4.69
CA GLY A 136 -7.91 -15.53 3.28
C GLY A 136 -6.88 -14.99 2.31
N ASN A 137 -5.71 -14.59 2.82
CA ASN A 137 -4.64 -14.04 2.01
C ASN A 137 -3.40 -14.90 2.09
N LYS A 138 -2.43 -14.62 1.20
CA LYS A 138 -1.14 -15.30 1.18
C LYS A 138 -0.08 -14.19 0.94
N ILE A 139 1.17 -14.44 1.32
CA ILE A 139 2.26 -13.47 1.08
C ILE A 139 2.83 -13.69 -0.31
N VAL A 140 2.84 -12.64 -1.12
CA VAL A 140 3.33 -12.72 -2.50
C VAL A 140 4.58 -11.89 -2.80
N GLY A 141 5.14 -11.25 -1.77
CA GLY A 141 6.34 -10.46 -1.93
C GLY A 141 6.80 -9.91 -0.59
N PHE A 142 7.98 -9.26 -0.57
CA PHE A 142 8.51 -8.67 0.65
C PHE A 142 9.10 -7.30 0.36
N PHE A 143 9.34 -6.50 1.40
CA PHE A 143 9.97 -5.20 1.21
C PHE A 143 10.63 -4.94 2.54
N GLY A 144 11.51 -3.95 2.60
CA GLY A 144 12.13 -3.66 3.89
C GLY A 144 13.24 -2.64 3.74
N ASN A 145 14.22 -2.68 4.64
CA ASN A 145 15.38 -1.76 4.55
C ASN A 145 16.59 -2.68 4.67
N SER A 146 17.67 -2.39 3.96
CA SER A 146 18.85 -3.21 4.07
C SER A 146 20.10 -2.45 3.63
N GLY A 147 21.26 -3.00 3.98
CA GLY A 147 22.54 -2.42 3.60
C GLY A 147 23.49 -3.60 3.68
N TRP A 148 24.43 -3.56 4.62
CA TRP A 148 25.33 -4.72 4.75
C TRP A 148 24.52 -5.89 5.30
N TYR A 149 23.49 -5.61 6.08
CA TYR A 149 22.66 -6.64 6.69
C TYR A 149 21.17 -6.40 6.39
N VAL A 150 20.29 -7.25 6.89
CA VAL A 150 18.87 -7.03 6.65
C VAL A 150 18.31 -6.31 7.88
N ASP A 151 18.00 -5.03 7.71
CA ASP A 151 17.52 -4.15 8.80
C ASP A 151 16.02 -4.23 9.14
N ALA A 152 15.18 -4.31 8.13
CA ALA A 152 13.72 -4.37 8.33
C ALA A 152 13.12 -5.21 7.27
N ILE A 153 11.91 -5.70 7.49
CA ILE A 153 11.25 -6.50 6.48
C ILE A 153 9.75 -6.48 6.74
N GLY A 154 9.01 -6.43 5.63
CA GLY A 154 7.56 -6.43 5.65
C GLY A 154 7.14 -7.28 4.47
N ALA A 155 5.85 -7.60 4.37
CA ALA A 155 5.34 -8.44 3.30
C ALA A 155 4.18 -7.84 2.52
N TYR A 156 4.09 -8.23 1.24
CA TYR A 156 2.97 -7.83 0.38
C TYR A 156 2.03 -9.07 0.42
N TYR A 157 0.73 -8.84 0.44
CA TYR A 157 -0.20 -9.95 0.46
C TYR A 157 -1.40 -9.68 -0.40
N THR A 158 -2.07 -10.76 -0.80
CA THR A 158 -3.26 -10.68 -1.64
C THR A 158 -4.07 -11.97 -1.42
N ALA A 159 -5.30 -11.98 -1.91
CA ALA A 159 -6.19 -13.13 -1.74
C ALA A 159 -5.60 -14.46 -2.19
N LYS A 160 -5.91 -15.50 -1.45
CA LYS A 160 -5.44 -16.83 -1.86
C LYS A 160 -6.29 -17.15 -3.10
N ALA B 8 9.84 -6.21 23.44
CA ALA B 8 8.70 -7.15 23.70
C ALA B 8 8.40 -8.04 22.49
N LEU B 9 7.66 -7.50 21.53
CA LEU B 9 7.27 -8.22 20.33
C LEU B 9 6.77 -7.24 19.27
N GLN B 10 7.31 -7.34 18.06
CA GLN B 10 6.87 -6.48 16.96
C GLN B 10 5.87 -7.31 16.13
N LEU B 11 4.61 -6.91 16.15
CA LEU B 11 3.57 -7.60 15.40
C LEU B 11 3.12 -6.68 14.25
N ALA B 12 3.74 -6.87 13.09
CA ALA B 12 3.50 -6.08 11.88
C ALA B 12 2.06 -5.59 11.68
N ALA B 13 1.91 -4.28 11.48
CA ALA B 13 0.60 -3.62 11.27
C ALA B 13 0.25 -3.69 9.78
N HIS B 14 -1.03 -3.70 9.41
CA HIS B 14 -1.37 -3.79 7.97
C HIS B 14 -1.81 -2.47 7.37
N SER B 15 -1.58 -2.29 6.07
CA SER B 15 -2.00 -1.07 5.35
C SER B 15 -2.89 -1.53 4.23
N ASP B 16 -3.95 -0.79 3.91
CA ASP B 16 -4.87 -1.22 2.87
C ASP B 16 -4.31 -1.14 1.45
N ALA B 17 -4.90 -1.95 0.57
CA ALA B 17 -4.50 -1.96 -0.81
C ALA B 17 -5.00 -0.66 -1.47
N ARG B 18 -4.45 -0.33 -2.63
CA ARG B 18 -4.84 0.90 -3.31
C ARG B 18 -5.25 0.69 -4.73
N SER B 19 -6.09 1.58 -5.23
CA SER B 19 -6.48 1.52 -6.64
C SER B 19 -6.24 2.96 -7.12
N GLY B 20 -5.38 3.09 -8.11
CA GLY B 20 -5.04 4.39 -8.62
C GLY B 20 -3.67 4.83 -8.09
N PRO B 21 -3.38 6.13 -8.06
CA PRO B 21 -4.22 7.25 -8.47
C PRO B 21 -4.33 7.44 -9.98
N VAL B 22 -5.34 8.17 -10.39
CA VAL B 22 -5.53 8.50 -11.79
C VAL B 22 -5.54 10.02 -11.77
N GLY B 23 -5.37 10.62 -12.95
CA GLY B 23 -5.35 12.07 -13.03
C GLY B 23 -3.94 12.51 -13.35
N SER B 24 -3.47 13.60 -12.75
CA SER B 24 -2.12 14.06 -13.02
C SER B 24 -1.43 14.57 -11.79
N ASN B 25 -0.12 14.72 -11.90
CA ASN B 25 0.64 15.19 -10.77
C ASN B 25 0.16 16.54 -10.31
N GLY B 26 0.08 16.69 -8.99
CA GLY B 26 -0.37 17.96 -8.44
C GLY B 26 0.52 18.44 -7.31
N GLY B 27 0.28 19.65 -6.87
CA GLY B 27 1.06 20.20 -5.79
C GLY B 27 1.36 19.27 -4.63
N GLN B 28 0.40 19.02 -3.76
CA GLN B 28 0.62 18.17 -2.58
C GLN B 28 -0.08 16.81 -2.62
N PHE B 29 0.57 15.83 -2.01
CA PHE B 29 -0.02 14.52 -1.91
C PHE B 29 -1.00 14.67 -0.75
N TRP B 30 -2.12 13.95 -0.77
CA TRP B 30 -3.09 13.98 0.33
C TRP B 30 -3.67 12.59 0.56
N SER B 31 -4.12 12.30 1.78
CA SER B 31 -4.65 10.98 2.12
C SER B 31 -5.65 11.02 3.27
N PHE B 32 -6.75 10.28 3.11
CA PHE B 32 -7.78 10.26 4.12
C PHE B 32 -8.46 8.90 4.12
N ARG B 33 -8.18 8.10 5.14
CA ARG B 33 -8.78 6.80 5.30
C ARG B 33 -9.18 6.77 6.77
N PRO B 34 -10.43 7.13 7.05
CA PRO B 34 -11.00 7.16 8.40
C PRO B 34 -11.38 5.75 8.84
N VAL B 35 -11.49 5.54 10.14
CA VAL B 35 -11.80 4.23 10.66
C VAL B 35 -13.22 3.82 10.29
N ARG B 36 -14.18 4.72 10.48
CA ARG B 36 -15.59 4.48 10.18
C ARG B 36 -15.94 4.79 8.72
N PRO B 37 -17.03 4.21 8.20
CA PRO B 37 -17.53 4.39 6.82
C PRO B 37 -17.66 5.83 6.32
N LEU B 38 -17.23 6.07 5.10
CA LEU B 38 -17.42 7.41 4.55
C LEU B 38 -18.91 7.49 4.36
N ASN B 39 -19.49 8.66 4.56
CA ASN B 39 -20.93 8.73 4.36
C ASN B 39 -21.37 10.08 3.87
N LYS B 40 -20.41 10.97 3.59
CA LYS B 40 -20.77 12.29 3.11
C LYS B 40 -19.68 12.90 2.24
N ILE B 41 -20.07 13.43 1.09
CA ILE B 41 -19.12 14.06 0.20
C ILE B 41 -19.70 15.39 -0.28
N VAL B 42 -18.92 16.46 -0.12
CA VAL B 42 -19.38 17.77 -0.55
C VAL B 42 -18.48 18.29 -1.65
N LEU B 43 -19.08 18.55 -2.80
CA LEU B 43 -18.36 19.07 -3.95
C LEU B 43 -18.63 20.57 -4.14
N SER B 44 -17.57 21.35 -4.29
CA SER B 44 -17.71 22.78 -4.47
C SER B 44 -17.20 23.18 -5.88
N PHE B 45 -18.02 23.93 -6.63
CA PHE B 45 -17.69 24.38 -7.98
C PHE B 45 -17.91 25.90 -8.21
N SER B 46 -17.18 26.46 -9.17
CA SER B 46 -17.39 27.85 -9.58
C SER B 46 -18.28 27.57 -10.79
N GLY B 47 -18.84 28.61 -11.40
CA GLY B 47 -19.72 28.41 -12.55
C GLY B 47 -21.15 28.07 -12.19
N SER B 48 -21.87 27.39 -13.06
CA SER B 48 -23.25 27.04 -12.75
C SER B 48 -23.66 25.86 -13.59
N PRO B 49 -24.58 25.04 -13.09
CA PRO B 49 -25.03 23.86 -13.84
C PRO B 49 -25.67 24.22 -15.18
N ASP B 50 -26.35 25.37 -15.22
CA ASP B 50 -26.98 25.83 -16.45
C ASP B 50 -25.93 26.11 -17.54
N GLN B 51 -24.70 26.33 -17.11
CA GLN B 51 -23.62 26.61 -18.02
C GLN B 51 -22.59 25.51 -17.82
N THR B 52 -21.43 25.87 -17.26
CA THR B 52 -20.40 24.88 -17.00
C THR B 52 -19.94 24.97 -15.57
N LEU B 53 -19.85 23.82 -14.91
CA LEU B 53 -19.41 23.75 -13.51
C LEU B 53 -17.92 23.46 -13.44
N ASN B 54 -17.15 24.24 -12.67
CA ASN B 54 -15.72 24.02 -12.54
C ASN B 54 -15.45 23.43 -11.15
N LEU B 55 -15.12 22.13 -11.08
CA LEU B 55 -14.86 21.49 -9.79
C LEU B 55 -13.64 22.09 -9.11
N ILE B 56 -13.83 22.62 -7.92
CA ILE B 56 -12.76 23.25 -7.19
C ILE B 56 -12.27 22.45 -5.97
N SER B 57 -13.18 21.87 -5.20
CA SER B 57 -12.76 21.11 -4.05
C SER B 57 -13.75 20.01 -3.74
N ILE B 58 -13.23 19.00 -3.03
CA ILE B 58 -14.01 17.85 -2.59
C ILE B 58 -13.73 17.70 -1.07
N THR B 59 -14.81 17.62 -0.30
CA THR B 59 -14.71 17.44 1.14
C THR B 59 -15.27 16.05 1.46
N PHE B 60 -14.41 15.15 1.96
CA PHE B 60 -14.82 13.78 2.32
C PHE B 60 -14.95 13.68 3.86
N SER B 61 -15.93 12.93 4.35
CA SER B 61 -16.01 12.75 5.80
C SER B 61 -16.80 11.53 6.19
N SER B 62 -16.55 11.05 7.41
CA SER B 62 -17.28 9.91 7.94
C SER B 62 -18.11 10.39 9.13
N ASN B 63 -17.72 11.53 9.70
CA ASN B 63 -18.41 12.17 10.83
C ASN B 63 -17.75 13.54 11.05
N PRO B 64 -18.32 14.36 11.95
CA PRO B 64 -17.81 15.70 12.26
C PRO B 64 -16.35 15.83 12.69
N THR B 65 -15.79 14.74 13.22
CA THR B 65 -14.40 14.79 13.64
C THR B 65 -13.46 13.95 12.74
N ASP B 66 -13.93 13.59 11.54
CA ASP B 66 -13.15 12.83 10.56
C ASP B 66 -13.53 13.38 9.17
N ILE B 67 -12.76 14.37 8.73
CA ILE B 67 -13.01 15.05 7.48
C ILE B 67 -11.76 15.58 6.81
N ILE B 68 -11.77 15.62 5.48
CA ILE B 68 -10.66 16.16 4.75
C ILE B 68 -11.20 17.01 3.61
N THR B 69 -10.47 18.08 3.32
CA THR B 69 -10.78 19.02 2.27
C THR B 69 -9.63 19.04 1.29
N VAL B 70 -9.90 18.68 0.04
CA VAL B 70 -8.84 18.68 -0.96
C VAL B 70 -9.23 19.56 -2.14
N GLY B 71 -8.27 20.34 -2.62
CA GLY B 71 -8.51 21.23 -3.72
C GLY B 71 -8.64 22.63 -3.15
N GLY B 72 -8.98 23.56 -4.03
CA GLY B 72 -9.09 24.96 -3.67
C GLY B 72 -9.85 25.29 -2.42
N VAL B 73 -9.23 26.07 -1.56
CA VAL B 73 -9.86 26.44 -0.30
C VAL B 73 -9.80 27.94 -0.07
N GLY B 74 -8.94 28.62 -0.83
CA GLY B 74 -8.81 30.06 -0.69
C GLY B 74 -10.09 30.84 -0.94
N PRO B 75 -9.95 32.16 -1.20
CA PRO B 75 -11.11 33.02 -1.46
C PRO B 75 -11.91 32.60 -2.71
N GLU B 76 -13.23 32.52 -2.52
CA GLU B 76 -14.16 32.14 -3.58
C GLU B 76 -15.49 32.85 -3.33
N PRO B 77 -16.00 33.59 -4.32
CA PRO B 77 -17.28 34.28 -4.16
C PRO B 77 -18.45 33.30 -3.95
N LEU B 78 -19.53 33.48 -4.69
CA LEU B 78 -20.67 32.59 -4.59
C LEU B 78 -20.31 31.30 -5.33
N THR B 79 -20.27 30.17 -4.63
CA THR B 79 -19.92 28.92 -5.29
C THR B 79 -21.06 27.92 -5.28
N TYR B 80 -21.07 27.04 -6.27
CA TYR B 80 -22.09 25.99 -6.39
C TYR B 80 -21.66 24.79 -5.52
N THR B 81 -22.61 24.23 -4.80
CA THR B 81 -22.33 23.12 -3.92
C THR B 81 -23.22 21.93 -4.21
N GLU B 82 -22.69 20.75 -3.98
CA GLU B 82 -23.39 19.51 -4.17
C GLU B 82 -23.03 18.62 -2.99
N THR B 83 -24.02 18.22 -2.21
CA THR B 83 -23.75 17.37 -1.06
C THR B 83 -24.22 15.95 -1.31
N VAL B 84 -23.33 14.98 -1.18
CA VAL B 84 -23.70 13.59 -1.38
C VAL B 84 -23.73 12.85 -0.04
N ASN B 85 -24.81 12.15 0.22
CA ASN B 85 -24.92 11.37 1.46
C ASN B 85 -24.92 9.88 1.06
N ILE B 86 -23.80 9.21 1.30
CA ILE B 86 -23.62 7.80 0.97
C ILE B 86 -24.31 6.89 1.98
N ASP B 87 -24.91 5.82 1.48
CA ASP B 87 -25.62 4.87 2.34
C ASP B 87 -24.93 3.51 2.51
N GLY B 88 -24.36 3.00 1.41
CA GLY B 88 -23.70 1.72 1.47
C GLY B 88 -22.21 1.81 1.21
N ASP B 89 -21.62 0.71 0.77
CA ASP B 89 -20.21 0.66 0.44
C ASP B 89 -19.94 1.21 -0.95
N ILE B 90 -19.03 2.17 -1.05
CA ILE B 90 -18.65 2.73 -2.34
C ILE B 90 -17.80 1.62 -2.93
N ILE B 91 -18.04 1.25 -4.18
CA ILE B 91 -17.28 0.19 -4.82
C ILE B 91 -16.62 0.68 -6.08
N GLU B 92 -17.08 1.82 -6.56
CA GLU B 92 -16.51 2.38 -7.75
C GLU B 92 -16.61 3.90 -7.80
N ILE B 93 -15.62 4.52 -8.43
CA ILE B 93 -15.61 5.95 -8.65
C ILE B 93 -15.14 6.16 -10.10
N SER B 94 -15.65 7.20 -10.75
CA SER B 94 -15.26 7.53 -12.12
C SER B 94 -15.46 9.01 -12.33
N GLY B 95 -15.01 9.50 -13.49
CA GLY B 95 -15.14 10.91 -13.81
C GLY B 95 -14.42 11.25 -15.10
N MET B 96 -13.99 12.50 -15.22
CA MET B 96 -13.27 12.94 -16.39
C MET B 96 -12.21 13.94 -15.98
N ILE B 97 -11.15 13.96 -16.75
CA ILE B 97 -10.02 14.84 -16.52
C ILE B 97 -9.90 15.79 -17.72
N ALA B 98 -9.62 17.05 -17.44
CA ALA B 98 -9.45 18.00 -18.53
C ALA B 98 -8.66 19.17 -17.99
N ASN B 99 -8.27 20.08 -18.88
CA ASN B 99 -7.47 21.23 -18.50
C ASN B 99 -8.29 22.42 -18.02
N TYR B 100 -7.77 23.07 -16.97
CA TYR B 100 -8.43 24.24 -16.40
C TYR B 100 -7.39 25.21 -15.85
N LYS B 101 -7.36 26.40 -16.44
CA LYS B 101 -6.42 27.44 -16.06
C LYS B 101 -4.99 26.93 -16.02
N GLY B 102 -4.62 26.12 -17.00
CA GLY B 102 -3.26 25.62 -17.07
C GLY B 102 -2.94 24.32 -16.33
N TYR B 103 -3.92 23.73 -15.65
CA TYR B 103 -3.70 22.48 -14.92
C TYR B 103 -4.63 21.38 -15.42
N ASN B 104 -4.13 20.15 -15.47
CA ASN B 104 -4.99 19.04 -15.88
C ASN B 104 -5.53 18.48 -14.56
N VAL B 105 -6.80 18.76 -14.31
CA VAL B 105 -7.44 18.40 -13.07
C VAL B 105 -8.66 17.52 -13.26
N ILE B 106 -9.21 17.04 -12.14
CA ILE B 106 -10.42 16.23 -12.15
C ILE B 106 -11.52 17.25 -12.41
N ARG B 107 -12.32 17.03 -13.44
CA ARG B 107 -13.37 17.97 -13.81
C ARG B 107 -14.75 17.45 -13.52
N SER B 108 -14.85 16.14 -13.45
CA SER B 108 -16.11 15.48 -13.21
C SER B 108 -15.84 14.26 -12.32
N ILE B 109 -16.84 13.84 -11.54
CA ILE B 109 -16.66 12.70 -10.68
C ILE B 109 -18.05 12.11 -10.37
N LYS B 110 -18.08 10.79 -10.25
CA LYS B 110 -19.30 10.04 -9.97
C LYS B 110 -18.92 8.97 -8.95
N PHE B 111 -19.77 8.75 -7.97
CA PHE B 111 -19.55 7.79 -6.90
C PHE B 111 -20.60 6.69 -7.00
N THR B 112 -20.17 5.44 -7.00
CA THR B 112 -21.11 4.34 -7.11
C THR B 112 -21.06 3.35 -5.93
N THR B 113 -22.23 3.04 -5.37
CA THR B 113 -22.35 2.03 -4.31
C THR B 113 -23.33 1.02 -4.89
N ASN B 114 -23.47 -0.11 -4.24
CA ASN B 114 -24.39 -1.13 -4.70
C ASN B 114 -25.81 -0.63 -4.70
N LYS B 115 -26.11 0.25 -3.75
CA LYS B 115 -27.44 0.79 -3.59
C LYS B 115 -27.78 1.95 -4.52
N LYS B 116 -26.81 2.82 -4.79
CA LYS B 116 -27.10 4.00 -5.58
C LYS B 116 -25.85 4.54 -6.29
N GLU B 117 -26.10 5.29 -7.34
CA GLU B 117 -25.06 5.91 -8.13
C GLU B 117 -25.23 7.42 -7.91
N TYR B 118 -24.14 8.12 -7.61
CA TYR B 118 -24.19 9.57 -7.36
C TYR B 118 -23.32 10.36 -8.33
N GLY B 119 -23.97 11.07 -9.25
CA GLY B 119 -23.24 11.83 -10.24
C GLY B 119 -23.54 11.34 -11.64
N PRO B 120 -22.73 11.70 -12.63
CA PRO B 120 -21.56 12.53 -12.45
C PRO B 120 -21.91 13.95 -12.12
N TYR B 121 -20.96 14.64 -11.48
CA TYR B 121 -21.14 16.02 -11.08
C TYR B 121 -20.00 16.79 -11.71
N GLY B 122 -20.34 17.89 -12.37
CA GLY B 122 -19.32 18.70 -12.98
C GLY B 122 -19.50 18.91 -14.46
N ALA B 123 -18.38 18.99 -15.15
CA ALA B 123 -18.32 19.23 -16.58
C ALA B 123 -18.09 17.92 -17.29
N ASN B 124 -18.99 17.57 -18.20
CA ASN B 124 -18.94 16.31 -18.97
C ASN B 124 -18.03 16.37 -20.20
N ALA B 125 -16.76 16.68 -20.00
CA ALA B 125 -15.84 16.73 -21.12
C ALA B 125 -14.44 16.40 -20.63
N GLY B 126 -13.66 15.75 -21.50
CA GLY B 126 -12.30 15.37 -21.18
C GLY B 126 -12.10 13.87 -21.17
N THR B 127 -10.90 13.43 -20.80
CA THR B 127 -10.58 12.02 -20.75
C THR B 127 -11.22 11.33 -19.53
N PRO B 128 -11.96 10.25 -19.76
CA PRO B 128 -12.63 9.52 -18.68
C PRO B 128 -11.68 8.63 -17.89
N PHE B 129 -12.03 8.38 -16.63
CA PHE B 129 -11.22 7.51 -15.77
C PHE B 129 -12.19 6.67 -14.95
N ASN B 130 -11.73 5.51 -14.52
CA ASN B 130 -12.58 4.62 -13.76
C ASN B 130 -11.80 3.92 -12.66
N ILE B 131 -12.27 4.02 -11.42
CA ILE B 131 -11.58 3.34 -10.34
C ILE B 131 -12.46 2.21 -9.82
N LYS B 132 -12.08 0.99 -10.20
CA LYS B 132 -12.82 -0.17 -9.76
C LYS B 132 -11.86 -0.89 -8.81
N ILE B 133 -12.40 -1.78 -8.01
CA ILE B 133 -11.60 -2.54 -7.06
C ILE B 133 -11.95 -4.02 -7.23
N PRO B 134 -11.08 -4.93 -6.73
CA PRO B 134 -11.33 -6.38 -6.86
C PRO B 134 -12.65 -6.79 -6.21
N ASP B 135 -13.41 -7.64 -6.89
CA ASP B 135 -14.69 -8.10 -6.37
C ASP B 135 -14.65 -8.51 -4.91
N GLY B 136 -15.70 -8.18 -4.17
CA GLY B 136 -15.73 -8.53 -2.76
C GLY B 136 -15.11 -7.53 -1.80
N ASN B 137 -14.62 -6.42 -2.36
CA ASN B 137 -13.98 -5.37 -1.57
C ASN B 137 -14.82 -4.11 -1.51
N LYS B 138 -14.41 -3.17 -0.66
CA LYS B 138 -15.12 -1.91 -0.51
C LYS B 138 -14.08 -0.82 -0.36
N ILE B 139 -14.43 0.40 -0.77
CA ILE B 139 -13.53 1.55 -0.69
C ILE B 139 -13.77 2.15 0.69
N VAL B 140 -12.67 2.33 1.42
CA VAL B 140 -12.70 2.84 2.78
C VAL B 140 -11.88 4.14 2.97
N GLY B 141 -11.42 4.70 1.84
CA GLY B 141 -10.64 5.92 1.85
C GLY B 141 -10.21 6.36 0.46
N PHE B 142 -9.60 7.53 0.37
CA PHE B 142 -9.14 8.09 -0.89
C PHE B 142 -7.82 8.79 -0.64
N PHE B 143 -7.06 8.99 -1.71
CA PHE B 143 -5.78 9.70 -1.62
C PHE B 143 -5.61 10.33 -3.00
N GLY B 144 -4.63 11.22 -3.16
CA GLY B 144 -4.40 11.85 -4.45
C GLY B 144 -3.42 13.01 -4.34
N ASN B 145 -3.53 13.96 -5.26
CA ASN B 145 -2.69 15.17 -5.31
C ASN B 145 -3.70 16.31 -5.46
N SER B 146 -3.40 17.47 -4.88
CA SER B 146 -4.30 18.59 -5.00
C SER B 146 -3.53 19.86 -4.70
N GLY B 147 -4.08 20.98 -5.15
CA GLY B 147 -3.50 22.31 -4.95
C GLY B 147 -4.69 23.27 -4.98
N TRP B 148 -4.78 24.09 -6.03
CA TRP B 148 -5.91 24.99 -6.22
C TRP B 148 -7.11 24.13 -6.62
N TYR B 149 -6.86 23.00 -7.26
CA TYR B 149 -7.91 22.10 -7.71
C TYR B 149 -7.57 20.66 -7.29
N VAL B 150 -8.41 19.72 -7.69
CA VAL B 150 -8.20 18.31 -7.39
C VAL B 150 -7.48 17.74 -8.61
N ASP B 151 -6.19 17.45 -8.46
CA ASP B 151 -5.37 16.94 -9.57
C ASP B 151 -5.39 15.44 -9.82
N ALA B 152 -5.40 14.65 -8.75
CA ALA B 152 -5.42 13.21 -8.91
C ALA B 152 -6.13 12.59 -7.73
N ILE B 153 -6.63 11.37 -7.94
CA ILE B 153 -7.33 10.68 -6.89
C ILE B 153 -7.23 9.19 -7.09
N GLY B 154 -7.14 8.48 -5.97
CA GLY B 154 -7.06 7.04 -5.97
C GLY B 154 -7.88 6.59 -4.77
N ALA B 155 -8.08 5.28 -4.60
CA ALA B 155 -8.86 4.76 -3.47
C ALA B 155 -8.16 3.69 -2.64
N TYR B 156 -8.45 3.68 -1.34
CA TYR B 156 -7.95 2.64 -0.43
C TYR B 156 -9.11 1.64 -0.37
N TYR B 157 -8.82 0.35 -0.49
CA TYR B 157 -9.87 -0.65 -0.37
C TYR B 157 -9.47 -1.83 0.54
N THR B 158 -10.48 -2.60 0.98
CA THR B 158 -10.26 -3.74 1.87
C THR B 158 -11.46 -4.66 1.68
N ALA B 159 -11.34 -5.92 2.11
CA ALA B 159 -12.43 -6.88 1.96
C ALA B 159 -13.68 -6.51 2.72
N LYS B 160 -14.83 -6.73 2.09
CA LYS B 160 -16.11 -6.43 2.76
C LYS B 160 -16.22 -7.37 3.95
#